data_4UI1
#
_entry.id   4UI1
#
_cell.length_a   69.040
_cell.length_b   76.290
_cell.length_c   81.700
_cell.angle_alpha   90.00
_cell.angle_beta   90.00
_cell.angle_gamma   90.00
#
_symmetry.space_group_name_H-M   'P 21 21 21'
#
loop_
_entity.id
_entity.type
_entity.pdbx_description
1 polymer 'BONE MORPHOGENETIC PROTEIN 2'
2 polymer HEMOJUVELIN
3 non-polymer 'NITRATE ION'
4 non-polymer 'CHLORIDE ION'
5 non-polymer 1,2-ETHANEDIOL
6 water water
#
loop_
_entity_poly.entity_id
_entity_poly.type
_entity_poly.pdbx_seq_one_letter_code
_entity_poly.pdbx_strand_id
1 'polypeptide(L)'
;QAKHKQRKRLKSSCKRHPLYVDFSDVGWNDWIVAPPGYHAFYCHGECPFPLADHLNSTNHAIVQTLVNSVNSKIPKACCV
PTELSAISMLYLDENEKVVLKNYQDMVVEGCGCR
;
A,B
2 'polypeptide(L)'
;ETSQCKILRCNAEYVSSTLSLRGGGSSGALRGGGGGGRGGGVGSGGLCRALRSYALCTRRTARTCRGDLAFHSAVHGIED
LMIQHNCSRQGPTAPPPPRGPALPGAGSGLPAPGTKHHHHHH
;
C,D
#
# COMPACT_ATOMS: atom_id res chain seq x y z
N LYS A 11 2.90 -15.54 -10.53
CA LYS A 11 3.09 -14.11 -10.74
C LYS A 11 4.23 -13.57 -9.85
N SER A 12 5.04 -12.64 -10.41
CA SER A 12 6.18 -12.00 -9.75
C SER A 12 5.76 -11.34 -8.42
N SER A 13 6.55 -11.58 -7.35
CA SER A 13 6.24 -11.08 -6.00
C SER A 13 6.70 -9.62 -5.82
N CYS A 14 6.14 -8.97 -4.79
CA CYS A 14 6.38 -7.58 -4.41
C CYS A 14 7.86 -7.18 -4.46
N LYS A 15 8.20 -6.23 -5.35
CA LYS A 15 9.55 -5.68 -5.47
C LYS A 15 9.53 -4.31 -6.16
N ARG A 16 10.72 -3.69 -6.22
CA ARG A 16 10.93 -2.39 -6.82
C ARG A 16 11.21 -2.57 -8.29
N HIS A 17 10.60 -1.71 -9.09
CA HIS A 17 10.71 -1.71 -10.54
C HIS A 17 11.25 -0.37 -11.01
N PRO A 18 11.93 -0.31 -12.18
CA PRO A 18 12.46 0.97 -12.66
C PRO A 18 11.37 1.89 -13.16
N LEU A 19 11.59 3.20 -12.90
CA LEU A 19 10.74 4.27 -13.33
C LEU A 19 11.55 5.53 -13.35
N TYR A 20 11.93 5.93 -14.55
CA TYR A 20 12.62 7.19 -14.73
C TYR A 20 11.56 8.19 -15.13
N VAL A 21 11.49 9.29 -14.40
CA VAL A 21 10.49 10.30 -14.73
C VAL A 21 11.17 11.39 -15.56
N ASP A 22 10.78 11.51 -16.84
CA ASP A 22 11.31 12.53 -17.73
C ASP A 22 10.39 13.74 -17.66
N PHE A 23 10.91 14.87 -17.15
CA PHE A 23 10.08 16.08 -16.94
C PHE A 23 9.54 16.70 -18.24
N SER A 24 10.19 16.46 -19.39
CA SER A 24 9.75 16.94 -20.70
C SER A 24 8.50 16.18 -21.14
N ASP A 25 8.42 14.89 -20.78
CA ASP A 25 7.34 13.98 -21.12
C ASP A 25 6.06 14.30 -20.36
N VAL A 26 6.18 15.03 -19.24
CA VAL A 26 5.03 15.40 -18.40
C VAL A 26 4.81 16.94 -18.43
N GLY A 27 5.63 17.65 -19.21
CA GLY A 27 5.56 19.09 -19.36
C GLY A 27 6.03 19.87 -18.15
N TRP A 28 6.85 19.25 -17.32
CA TRP A 28 7.37 19.83 -16.09
C TRP A 28 8.73 20.52 -16.29
N ASN A 29 9.27 20.47 -17.51
CA ASN A 29 10.56 21.10 -17.82
C ASN A 29 10.43 22.65 -17.82
N ASP A 30 9.19 23.17 -17.86
CA ASP A 30 8.94 24.62 -17.83
C ASP A 30 9.20 25.22 -16.42
N TRP A 31 8.89 24.47 -15.34
CA TRP A 31 9.13 24.97 -13.97
C TRP A 31 10.36 24.32 -13.31
N ILE A 32 10.74 23.10 -13.75
CA ILE A 32 11.90 22.41 -13.21
C ILE A 32 13.05 22.75 -14.10
N VAL A 33 13.99 23.53 -13.56
CA VAL A 33 15.21 23.96 -14.25
C VAL A 33 16.16 22.76 -14.32
N ALA A 34 16.36 22.08 -13.18
CA ALA A 34 17.22 20.91 -13.02
C ALA A 34 16.64 20.00 -11.93
N PRO A 35 16.73 18.66 -12.03
CA PRO A 35 17.33 17.86 -13.11
C PRO A 35 16.37 17.75 -14.31
N PRO A 36 16.78 17.11 -15.45
CA PRO A 36 15.82 16.96 -16.57
C PRO A 36 14.80 15.82 -16.31
N GLY A 37 15.07 15.05 -15.27
CA GLY A 37 14.24 13.95 -14.84
C GLY A 37 14.92 13.24 -13.70
N TYR A 38 14.31 12.16 -13.19
CA TYR A 38 14.92 11.41 -12.09
C TYR A 38 14.42 9.96 -12.02
N HIS A 39 15.20 9.08 -11.36
CA HIS A 39 14.81 7.68 -11.09
C HIS A 39 13.91 7.64 -9.87
N ALA A 40 12.60 7.52 -10.12
CA ALA A 40 11.57 7.50 -9.09
C ALA A 40 11.29 6.09 -8.58
N PHE A 41 11.31 5.10 -9.52
CA PHE A 41 10.97 3.68 -9.29
C PHE A 41 9.50 3.53 -8.93
N TYR A 42 9.04 2.30 -8.83
CA TYR A 42 7.70 2.00 -8.30
C TYR A 42 7.66 0.59 -7.74
N CYS A 43 6.66 0.32 -6.91
CA CYS A 43 6.46 -0.95 -6.26
C CYS A 43 5.38 -1.69 -6.95
N HIS A 44 5.58 -2.98 -7.10
CA HIS A 44 4.63 -3.83 -7.78
C HIS A 44 4.96 -5.28 -7.53
N GLY A 45 3.92 -6.10 -7.48
CA GLY A 45 4.08 -7.52 -7.27
C GLY A 45 3.12 -8.08 -6.26
N GLU A 46 2.87 -9.38 -6.38
CA GLU A 46 1.97 -10.14 -5.53
C GLU A 46 2.48 -10.18 -4.08
N CYS A 47 1.54 -10.30 -3.13
CA CYS A 47 1.87 -10.40 -1.72
C CYS A 47 1.39 -11.75 -1.13
N PRO A 48 2.06 -12.86 -1.50
CA PRO A 48 1.63 -14.16 -0.96
C PRO A 48 2.24 -14.51 0.39
N PHE A 49 1.51 -15.37 1.12
CA PHE A 49 1.94 -15.98 2.37
C PHE A 49 3.25 -16.77 2.12
N PRO A 50 4.26 -16.67 3.01
CA PRO A 50 4.31 -15.86 4.23
C PRO A 50 4.91 -14.47 3.98
N LEU A 51 4.27 -13.45 4.56
CA LEU A 51 4.72 -12.07 4.48
C LEU A 51 5.85 -11.82 5.47
N ALA A 52 5.82 -12.57 6.59
CA ALA A 52 6.73 -12.43 7.70
C ALA A 52 8.12 -12.98 7.37
N ASP A 53 8.47 -13.01 6.09
CA ASP A 53 9.83 -13.36 5.62
C ASP A 53 10.53 -12.00 5.25
N HIS A 54 9.78 -10.89 5.39
CA HIS A 54 10.17 -9.49 5.22
C HIS A 54 9.94 -8.81 6.54
N LEU A 55 10.82 -7.87 6.96
CA LEU A 55 10.61 -7.18 8.25
C LEU A 55 9.89 -5.83 8.06
N ASN A 56 9.60 -5.45 6.81
CA ASN A 56 8.90 -4.22 6.45
C ASN A 56 7.39 -4.43 6.18
N SER A 57 6.81 -5.59 6.53
CA SER A 57 5.36 -5.79 6.44
C SER A 57 4.78 -5.41 7.82
N THR A 58 3.55 -5.79 8.10
CA THR A 58 2.94 -5.46 9.40
C THR A 58 2.10 -6.61 9.91
N ASN A 59 1.84 -6.65 11.23
CA ASN A 59 0.94 -7.62 11.82
C ASN A 59 -0.44 -7.57 11.14
N HIS A 60 -0.95 -6.36 10.84
CA HIS A 60 -2.25 -6.22 10.17
C HIS A 60 -2.21 -6.90 8.78
N ALA A 61 -1.11 -6.73 8.03
CA ALA A 61 -0.96 -7.32 6.70
C ALA A 61 -0.94 -8.85 6.80
N ILE A 62 -0.32 -9.37 7.87
CA ILE A 62 -0.21 -10.81 8.14
C ILE A 62 -1.62 -11.37 8.48
N VAL A 63 -2.38 -10.66 9.32
CA VAL A 63 -3.73 -11.04 9.67
C VAL A 63 -4.65 -10.94 8.42
N GLN A 64 -4.50 -9.88 7.62
CA GLN A 64 -5.32 -9.72 6.42
C GLN A 64 -5.13 -10.87 5.45
N THR A 65 -3.87 -11.34 5.28
CA THR A 65 -3.51 -12.45 4.41
C THR A 65 -4.16 -13.73 4.95
N LEU A 66 -4.20 -13.90 6.28
CA LEU A 66 -4.82 -15.05 6.90
C LEU A 66 -6.34 -15.00 6.62
N VAL A 67 -6.98 -13.84 6.82
CA VAL A 67 -8.41 -13.60 6.60
C VAL A 67 -8.74 -13.85 5.11
N ASN A 68 -7.93 -13.30 4.18
CA ASN A 68 -8.09 -13.53 2.75
C ASN A 68 -8.16 -15.04 2.38
N SER A 69 -7.34 -15.88 3.04
CA SER A 69 -7.27 -17.33 2.79
C SER A 69 -8.58 -18.06 3.18
N VAL A 70 -9.36 -17.45 4.07
CA VAL A 70 -10.61 -17.96 4.64
C VAL A 70 -11.81 -17.22 3.99
N ASN A 71 -11.58 -16.01 3.52
CA ASN A 71 -12.58 -15.16 2.89
C ASN A 71 -11.94 -14.38 1.74
N SER A 72 -12.14 -14.85 0.49
CA SER A 72 -11.57 -14.23 -0.72
C SER A 72 -12.14 -12.83 -1.01
N LYS A 73 -13.24 -12.40 -0.33
CA LYS A 73 -13.80 -11.07 -0.49
C LYS A 73 -12.86 -10.02 0.14
N ILE A 74 -12.05 -10.45 1.15
CA ILE A 74 -11.06 -9.58 1.81
C ILE A 74 -9.78 -9.67 0.98
N PRO A 75 -9.29 -8.55 0.41
CA PRO A 75 -8.12 -8.61 -0.46
C PRO A 75 -6.82 -8.95 0.27
N LYS A 76 -5.82 -9.37 -0.53
CA LYS A 76 -4.47 -9.60 -0.07
C LYS A 76 -3.82 -8.26 0.16
N ALA A 77 -2.69 -8.20 0.91
CA ALA A 77 -1.91 -6.98 1.14
C ALA A 77 -1.42 -6.44 -0.21
N CYS A 78 -1.09 -5.17 -0.26
CA CYS A 78 -0.70 -4.53 -1.49
C CYS A 78 0.77 -4.13 -1.46
N CYS A 79 1.44 -4.26 -2.60
CA CYS A 79 2.87 -3.90 -2.74
C CYS A 79 3.00 -2.42 -2.94
N VAL A 80 3.54 -1.74 -1.92
CA VAL A 80 3.70 -0.27 -1.87
C VAL A 80 5.10 0.11 -1.34
N PRO A 81 5.54 1.38 -1.53
CA PRO A 81 6.84 1.80 -0.99
C PRO A 81 6.81 1.83 0.54
N THR A 82 7.83 1.26 1.16
CA THR A 82 7.95 1.22 2.63
C THR A 82 9.11 2.12 3.06
N GLU A 83 9.86 2.65 2.08
CA GLU A 83 10.97 3.56 2.31
C GLU A 83 11.12 4.45 1.12
N LEU A 84 11.08 5.75 1.38
CA LEU A 84 11.26 6.75 0.33
C LEU A 84 12.42 7.66 0.69
N SER A 85 13.10 8.20 -0.34
CA SER A 85 14.20 9.15 -0.17
C SER A 85 13.90 10.44 -0.94
N ALA A 86 14.54 11.55 -0.51
CA ALA A 86 14.38 12.89 -1.04
C ALA A 86 15.28 13.19 -2.22
N ILE A 87 14.88 14.20 -3.01
CA ILE A 87 15.70 14.74 -4.11
C ILE A 87 15.63 16.25 -4.07
N SER A 88 16.72 16.89 -4.47
CA SER A 88 16.89 18.32 -4.67
C SER A 88 16.57 18.64 -6.12
N MET A 89 15.85 19.72 -6.34
CA MET A 89 15.48 20.18 -7.66
C MET A 89 15.60 21.69 -7.71
N LEU A 90 15.87 22.22 -8.91
CA LEU A 90 15.92 23.64 -9.13
C LEU A 90 14.67 24.03 -9.87
N TYR A 91 13.96 25.03 -9.34
CA TYR A 91 12.78 25.55 -10.00
C TYR A 91 12.96 27.06 -10.18
N LEU A 92 12.13 27.66 -11.06
CA LEU A 92 12.20 29.10 -11.29
C LEU A 92 11.23 29.83 -10.41
N ASP A 93 11.75 30.82 -9.72
CA ASP A 93 10.99 31.72 -8.87
C ASP A 93 10.74 33.06 -9.62
N GLU A 94 10.36 34.11 -8.86
CA GLU A 94 10.16 35.47 -9.33
C GLU A 94 11.50 36.03 -9.86
N ASN A 95 11.42 36.90 -10.89
CA ASN A 95 12.60 37.52 -11.54
C ASN A 95 13.48 36.44 -12.19
N GLU A 96 12.91 35.23 -12.43
CA GLU A 96 13.62 34.09 -13.04
C GLU A 96 14.81 33.63 -12.16
N LYS A 97 14.62 33.68 -10.84
CA LYS A 97 15.62 33.25 -9.89
C LYS A 97 15.54 31.75 -9.74
N VAL A 98 16.66 31.08 -9.97
CA VAL A 98 16.78 29.63 -9.82
C VAL A 98 16.94 29.34 -8.33
N VAL A 99 15.98 28.55 -7.77
CA VAL A 99 15.85 28.20 -6.35
C VAL A 99 16.00 26.71 -6.15
N LEU A 100 16.92 26.34 -5.25
CA LEU A 100 17.17 24.96 -4.84
C LEU A 100 16.18 24.63 -3.74
N LYS A 101 15.53 23.48 -3.87
CA LYS A 101 14.52 22.99 -2.94
C LYS A 101 14.59 21.48 -2.85
N ASN A 102 14.47 20.95 -1.61
CA ASN A 102 14.44 19.53 -1.36
C ASN A 102 13.00 19.06 -1.31
N TYR A 103 12.74 17.98 -2.06
CA TYR A 103 11.44 17.33 -2.20
C TYR A 103 11.51 15.96 -1.54
N GLN A 104 10.81 15.81 -0.43
CA GLN A 104 10.77 14.56 0.33
C GLN A 104 9.97 13.49 -0.39
N ASP A 105 10.20 12.21 -0.04
CA ASP A 105 9.43 11.06 -0.50
C ASP A 105 9.25 11.01 -2.03
N MET A 106 10.34 11.19 -2.76
CA MET A 106 10.37 11.21 -4.22
C MET A 106 10.81 9.90 -4.84
N VAL A 107 11.76 9.20 -4.20
CA VAL A 107 12.35 7.96 -4.73
C VAL A 107 12.01 6.76 -3.88
N VAL A 108 11.60 5.64 -4.50
CA VAL A 108 11.34 4.39 -3.77
C VAL A 108 12.69 3.76 -3.42
N GLU A 109 12.88 3.47 -2.12
CA GLU A 109 14.10 2.82 -1.62
C GLU A 109 13.83 1.37 -1.20
N GLY A 110 12.56 1.07 -0.88
CA GLY A 110 12.09 -0.26 -0.50
C GLY A 110 10.62 -0.48 -0.78
N CYS A 111 10.24 -1.71 -1.07
CA CYS A 111 8.86 -2.12 -1.30
C CYS A 111 8.47 -3.15 -0.28
N GLY A 112 7.22 -3.17 0.10
CA GLY A 112 6.71 -4.14 1.05
C GLY A 112 5.21 -4.31 0.90
N CYS A 113 4.70 -5.38 1.47
CA CYS A 113 3.30 -5.80 1.47
C CYS A 113 2.57 -5.20 2.68
N ARG A 114 1.63 -4.27 2.45
CA ARG A 114 0.92 -3.60 3.56
C ARG A 114 -0.60 -3.67 3.42
N LEU B 10 -16.27 6.71 -10.40
CA LEU B 10 -17.41 5.79 -10.33
C LEU B 10 -17.18 4.70 -9.25
N LYS B 11 -15.99 4.08 -9.25
CA LYS B 11 -15.64 3.11 -8.21
C LYS B 11 -15.25 3.91 -6.95
N SER B 12 -15.66 3.39 -5.78
CA SER B 12 -15.40 3.97 -4.45
C SER B 12 -13.92 4.24 -4.23
N SER B 13 -13.58 5.43 -3.69
CA SER B 13 -12.19 5.84 -3.49
C SER B 13 -11.61 5.29 -2.17
N CYS B 14 -10.29 5.28 -2.07
CA CYS B 14 -9.50 4.76 -0.94
C CYS B 14 -10.05 5.20 0.41
N LYS B 15 -10.48 4.22 1.23
CA LYS B 15 -10.99 4.43 2.58
C LYS B 15 -10.92 3.15 3.42
N ARG B 16 -11.26 3.28 4.71
CA ARG B 16 -11.27 2.22 5.68
C ARG B 16 -12.61 1.50 5.63
N HIS B 17 -12.55 0.18 5.70
CA HIS B 17 -13.69 -0.72 5.65
C HIS B 17 -13.71 -1.59 6.89
N PRO B 18 -14.90 -2.09 7.32
CA PRO B 18 -14.93 -2.96 8.52
C PRO B 18 -14.36 -4.34 8.25
N LEU B 19 -13.70 -4.88 9.27
CA LEU B 19 -13.14 -6.22 9.29
C LEU B 19 -12.99 -6.66 10.73
N TYR B 20 -13.89 -7.52 11.16
CA TYR B 20 -13.80 -8.08 12.49
C TYR B 20 -13.14 -9.44 12.33
N VAL B 21 -12.09 -9.68 13.09
CA VAL B 21 -11.43 -10.96 13.01
C VAL B 21 -11.92 -11.85 14.17
N ASP B 22 -12.65 -12.93 13.86
CA ASP B 22 -13.17 -13.87 14.88
C ASP B 22 -12.16 -14.99 15.02
N PHE B 23 -11.50 -15.09 16.21
CA PHE B 23 -10.43 -16.06 16.43
C PHE B 23 -10.89 -17.53 16.37
N SER B 24 -12.19 -17.80 16.62
CA SER B 24 -12.76 -19.15 16.52
C SER B 24 -12.84 -19.59 15.07
N ASP B 25 -13.12 -18.63 14.17
CA ASP B 25 -13.28 -18.84 12.74
C ASP B 25 -11.95 -19.18 12.06
N VAL B 26 -10.82 -18.80 12.70
CA VAL B 26 -9.48 -19.03 12.16
C VAL B 26 -8.70 -20.06 13.01
N GLY B 27 -9.36 -20.58 14.03
CA GLY B 27 -8.80 -21.58 14.94
C GLY B 27 -7.73 -21.01 15.86
N TRP B 28 -7.78 -19.71 16.11
CA TRP B 28 -6.83 -19.03 16.98
C TRP B 28 -7.31 -18.93 18.42
N ASN B 29 -8.51 -19.43 18.72
CA ASN B 29 -9.08 -19.41 20.07
C ASN B 29 -8.33 -20.39 20.97
N ASP B 30 -7.52 -21.32 20.40
CA ASP B 30 -6.73 -22.28 21.14
C ASP B 30 -5.53 -21.61 21.82
N TRP B 31 -4.90 -20.59 21.20
CA TRP B 31 -3.75 -19.90 21.81
C TRP B 31 -4.13 -18.51 22.35
N ILE B 32 -5.20 -17.89 21.81
CA ILE B 32 -5.66 -16.58 22.27
C ILE B 32 -6.74 -16.85 23.30
N VAL B 33 -6.44 -16.50 24.55
CA VAL B 33 -7.37 -16.66 25.68
C VAL B 33 -8.40 -15.51 25.57
N ALA B 34 -7.92 -14.28 25.39
CA ALA B 34 -8.72 -13.04 25.26
C ALA B 34 -8.01 -12.08 24.33
N PRO B 35 -8.73 -11.32 23.47
CA PRO B 35 -10.18 -11.24 23.28
C PRO B 35 -10.70 -12.39 22.41
N PRO B 36 -12.02 -12.53 22.18
CA PRO B 36 -12.49 -13.63 21.27
C PRO B 36 -12.29 -13.25 19.78
N GLY B 37 -11.95 -12.00 19.54
CA GLY B 37 -11.73 -11.45 18.23
C GLY B 37 -11.52 -9.98 18.35
N TYR B 38 -11.30 -9.29 17.21
CA TYR B 38 -11.10 -7.83 17.25
C TYR B 38 -11.43 -7.16 15.91
N HIS B 39 -11.69 -5.83 15.95
CA HIS B 39 -11.93 -4.98 14.77
C HIS B 39 -10.60 -4.57 14.19
N ALA B 40 -10.20 -5.26 13.13
CA ALA B 40 -8.94 -5.06 12.44
C ALA B 40 -9.04 -3.98 11.34
N PHE B 41 -10.20 -3.98 10.62
CA PHE B 41 -10.47 -3.11 9.46
C PHE B 41 -9.56 -3.45 8.31
N TYR B 42 -9.82 -2.82 7.16
CA TYR B 42 -8.91 -2.92 6.01
C TYR B 42 -9.10 -1.72 5.10
N CYS B 43 -8.11 -1.47 4.26
CA CYS B 43 -8.08 -0.38 3.31
C CYS B 43 -8.39 -0.88 1.96
N HIS B 44 -9.17 -0.11 1.25
CA HIS B 44 -9.62 -0.48 -0.07
C HIS B 44 -10.21 0.72 -0.76
N GLY B 45 -10.02 0.77 -2.07
CA GLY B 45 -10.56 1.84 -2.87
C GLY B 45 -9.58 2.38 -3.88
N GLU B 46 -10.15 2.97 -4.94
CA GLU B 46 -9.40 3.57 -6.03
C GLU B 46 -8.56 4.74 -5.55
N CYS B 47 -7.48 5.03 -6.28
CA CYS B 47 -6.60 6.14 -5.94
C CYS B 47 -6.55 7.15 -7.11
N PRO B 48 -7.66 7.90 -7.34
CA PRO B 48 -7.64 8.87 -8.44
C PRO B 48 -7.13 10.24 -8.03
N PHE B 49 -6.60 10.95 -9.02
CA PHE B 49 -6.18 12.34 -8.90
C PHE B 49 -7.40 13.22 -8.47
N PRO B 50 -7.26 14.16 -7.53
CA PRO B 50 -6.02 14.47 -6.77
C PRO B 50 -5.93 13.68 -5.46
N LEU B 51 -4.75 13.21 -5.17
CA LEU B 51 -4.57 12.49 -3.92
C LEU B 51 -4.14 13.47 -2.82
N ALA B 52 -3.48 14.60 -3.23
CA ALA B 52 -2.86 15.59 -2.33
C ALA B 52 -3.80 16.14 -1.26
N ASP B 53 -3.60 15.46 -0.07
CA ASP B 53 -3.96 15.46 1.35
C ASP B 53 -5.15 14.55 1.70
N HIS B 54 -6.24 14.64 0.94
CA HIS B 54 -7.48 13.89 1.18
C HIS B 54 -7.29 12.35 1.02
N LEU B 55 -6.28 11.87 0.29
CA LEU B 55 -6.08 10.43 0.20
C LEU B 55 -4.71 10.04 0.80
N ASN B 56 -4.32 10.75 1.89
CA ASN B 56 -3.13 10.61 2.78
C ASN B 56 -1.90 10.00 2.04
N SER B 57 -1.51 10.68 0.98
CA SER B 57 -0.48 10.29 0.03
C SER B 57 0.92 10.86 0.35
N THR B 58 1.84 10.61 -0.60
CA THR B 58 3.24 11.01 -0.65
C THR B 58 3.54 11.69 -1.98
N ASN B 59 4.65 12.43 -2.05
CA ASN B 59 5.10 13.05 -3.29
C ASN B 59 5.30 11.98 -4.37
N HIS B 60 5.88 10.81 -4.00
CA HIS B 60 6.08 9.71 -4.94
C HIS B 60 4.73 9.23 -5.51
N ALA B 61 3.69 9.10 -4.66
CA ALA B 61 2.38 8.65 -5.11
C ALA B 61 1.74 9.65 -6.05
N ILE B 62 2.00 10.95 -5.81
CA ILE B 62 1.50 12.04 -6.64
C ILE B 62 2.19 11.99 -8.01
N VAL B 63 3.52 11.79 -8.04
CA VAL B 63 4.29 11.67 -9.26
C VAL B 63 3.85 10.40 -10.02
N GLN B 64 3.68 9.26 -9.31
CA GLN B 64 3.28 8.01 -9.96
C GLN B 64 1.93 8.15 -10.66
N THR B 65 0.98 8.85 -10.01
CA THR B 65 -0.36 9.10 -10.54
C THR B 65 -0.23 9.95 -11.81
N LEU B 66 0.70 10.94 -11.81
CA LEU B 66 0.91 11.81 -12.94
C LEU B 66 1.48 10.97 -14.11
N VAL B 67 2.48 10.13 -13.82
CA VAL B 67 3.14 9.22 -14.79
C VAL B 67 2.10 8.26 -15.36
N ASN B 68 1.27 7.63 -14.51
CA ASN B 68 0.18 6.73 -14.92
C ASN B 68 -0.74 7.37 -15.95
N SER B 69 -1.07 8.68 -15.79
CA SER B 69 -1.99 9.41 -16.67
C SER B 69 -1.45 9.58 -18.08
N VAL B 70 -0.11 9.51 -18.22
CA VAL B 70 0.67 9.70 -19.43
C VAL B 70 1.13 8.33 -19.97
N ASN B 71 1.26 7.35 -19.07
CA ASN B 71 1.72 6.00 -19.37
C ASN B 71 0.94 5.00 -18.52
N SER B 72 -0.10 4.36 -19.11
CA SER B 72 -0.97 3.40 -18.41
C SER B 72 -0.23 2.11 -18.00
N LYS B 73 1.01 1.88 -18.50
CA LYS B 73 1.82 0.71 -18.11
C LYS B 73 2.30 0.87 -16.66
N ILE B 74 2.42 2.13 -16.18
CA ILE B 74 2.80 2.46 -14.80
C ILE B 74 1.52 2.47 -13.97
N PRO B 75 1.40 1.59 -12.94
CA PRO B 75 0.15 1.54 -12.17
C PRO B 75 -0.13 2.77 -11.32
N LYS B 76 -1.41 2.90 -10.92
CA LYS B 76 -1.89 3.93 -10.00
C LYS B 76 -1.42 3.54 -8.60
N ALA B 77 -1.42 4.50 -7.64
CA ALA B 77 -1.07 4.27 -6.25
C ALA B 77 -2.06 3.28 -5.67
N CYS B 78 -1.67 2.61 -4.57
CA CYS B 78 -2.50 1.59 -3.97
C CYS B 78 -3.03 2.00 -2.61
N CYS B 79 -4.29 1.63 -2.31
CA CYS B 79 -4.93 1.96 -1.03
C CYS B 79 -4.49 0.96 0.03
N VAL B 80 -3.68 1.46 1.00
CA VAL B 80 -3.10 0.67 2.09
C VAL B 80 -3.22 1.40 3.43
N PRO B 81 -3.04 0.70 4.59
CA PRO B 81 -3.07 1.39 5.88
C PRO B 81 -1.87 2.30 6.03
N THR B 82 -2.11 3.53 6.48
CA THR B 82 -1.04 4.52 6.66
C THR B 82 -0.86 4.80 8.16
N GLU B 83 -1.76 4.25 8.97
CA GLU B 83 -1.71 4.39 10.42
C GLU B 83 -2.31 3.16 11.05
N LEU B 84 -1.52 2.51 11.89
CA LEU B 84 -1.97 1.33 12.60
C LEU B 84 -1.86 1.54 14.09
N SER B 85 -2.72 0.87 14.87
CA SER B 85 -2.70 0.90 16.33
C SER B 85 -2.59 -0.50 16.87
N ALA B 86 -2.10 -0.60 18.13
CA ALA B 86 -1.84 -1.84 18.85
C ALA B 86 -3.05 -2.37 19.62
N ILE B 87 -3.02 -3.65 19.94
CA ILE B 87 -4.00 -4.31 20.80
C ILE B 87 -3.26 -5.24 21.76
N SER B 88 -3.82 -5.38 22.96
CA SER B 88 -3.38 -6.30 24.01
C SER B 88 -4.17 -7.59 23.85
N MET B 89 -3.50 -8.71 24.00
CA MET B 89 -4.13 -10.02 23.94
C MET B 89 -3.57 -10.88 25.05
N LEU B 90 -4.36 -11.85 25.49
CA LEU B 90 -3.93 -12.86 26.46
C LEU B 90 -3.73 -14.15 25.72
N TYR B 91 -2.55 -14.74 25.87
CA TYR B 91 -2.26 -16.01 25.25
C TYR B 91 -1.81 -16.99 26.34
N LEU B 92 -1.85 -18.30 26.03
CA LEU B 92 -1.38 -19.34 26.95
C LEU B 92 0.09 -19.66 26.63
N ASP B 93 0.99 -19.52 27.61
CA ASP B 93 2.37 -19.80 27.26
C ASP B 93 2.64 -21.33 27.29
N GLU B 94 3.93 -21.72 27.18
CA GLU B 94 4.41 -23.10 27.22
C GLU B 94 3.95 -23.80 28.49
N ASN B 95 4.02 -23.09 29.64
CA ASN B 95 3.71 -23.57 30.99
C ASN B 95 2.21 -23.38 31.35
N GLU B 96 1.34 -23.10 30.34
CA GLU B 96 -0.12 -22.96 30.47
C GLU B 96 -0.52 -21.90 31.54
N LYS B 97 0.17 -20.77 31.49
CA LYS B 97 -0.01 -19.55 32.26
C LYS B 97 -0.53 -18.50 31.29
N VAL B 98 -1.54 -17.73 31.69
CA VAL B 98 -2.14 -16.66 30.89
C VAL B 98 -1.18 -15.47 30.97
N VAL B 99 -0.69 -15.02 29.78
CA VAL B 99 0.28 -13.95 29.60
C VAL B 99 -0.33 -12.81 28.76
N LEU B 100 -0.22 -11.58 29.29
CA LEU B 100 -0.66 -10.37 28.62
C LEU B 100 0.49 -9.90 27.75
N LYS B 101 0.18 -9.56 26.50
CA LYS B 101 1.15 -9.11 25.51
C LYS B 101 0.51 -8.09 24.57
N ASN B 102 1.26 -7.03 24.23
CA ASN B 102 0.83 -6.01 23.28
C ASN B 102 1.33 -6.36 21.91
N TYR B 103 0.41 -6.31 20.94
CA TYR B 103 0.64 -6.61 19.54
C TYR B 103 0.50 -5.33 18.73
N GLN B 104 1.63 -4.84 18.20
CA GLN B 104 1.68 -3.62 17.41
C GLN B 104 1.06 -3.81 16.04
N ASP B 105 0.67 -2.71 15.40
CA ASP B 105 0.17 -2.68 14.02
C ASP B 105 -0.93 -3.70 13.71
N MET B 106 -1.93 -3.79 14.58
CA MET B 106 -3.03 -4.73 14.48
C MET B 106 -4.31 -4.12 13.86
N VAL B 107 -4.58 -2.83 14.16
CA VAL B 107 -5.82 -2.15 13.74
C VAL B 107 -5.53 -1.01 12.77
N VAL B 108 -6.29 -0.94 11.67
CA VAL B 108 -6.17 0.18 10.73
C VAL B 108 -6.81 1.43 11.34
N GLU B 109 -6.06 2.54 11.41
CA GLU B 109 -6.53 3.80 11.93
C GLU B 109 -6.71 4.84 10.80
N GLY B 110 -5.99 4.63 9.69
CA GLY B 110 -6.03 5.46 8.49
C GLY B 110 -5.63 4.73 7.23
N CYS B 111 -6.20 5.16 6.09
CA CYS B 111 -5.91 4.60 4.77
C CYS B 111 -5.37 5.68 3.91
N GLY B 112 -4.51 5.32 2.98
CA GLY B 112 -3.96 6.29 2.06
C GLY B 112 -3.48 5.63 0.80
N CYS B 113 -3.31 6.44 -0.24
CA CYS B 113 -2.84 6.06 -1.56
C CYS B 113 -1.31 6.16 -1.61
N ARG B 114 -0.65 4.99 -1.72
CA ARG B 114 0.80 4.87 -1.63
C ARG B 114 1.48 4.25 -2.85
N SER C 3 2.70 35.47 0.12
CA SER C 3 2.27 34.45 1.07
C SER C 3 2.60 32.99 0.56
N GLN C 4 2.00 31.94 1.18
CA GLN C 4 2.26 30.53 0.83
C GLN C 4 1.20 29.92 -0.10
N CYS C 5 1.51 28.71 -0.61
CA CYS C 5 0.76 27.95 -1.60
C CYS C 5 -0.58 27.43 -1.08
N LYS C 6 -1.67 27.73 -1.82
CA LYS C 6 -3.05 27.37 -1.47
C LYS C 6 -3.63 26.23 -2.36
N ILE C 7 -2.79 25.33 -2.90
CA ILE C 7 -3.31 24.26 -3.77
C ILE C 7 -4.19 23.23 -3.02
N LEU C 8 -3.93 22.98 -1.72
CA LEU C 8 -4.69 21.99 -0.97
C LEU C 8 -6.14 22.40 -0.81
N ARG C 9 -6.41 23.71 -0.68
CA ARG C 9 -7.75 24.25 -0.62
C ARG C 9 -8.44 24.06 -2.00
N CYS C 10 -7.68 24.20 -3.13
CA CYS C 10 -8.27 24.00 -4.46
C CYS C 10 -8.71 22.54 -4.60
N ASN C 11 -7.78 21.64 -4.26
CA ASN C 11 -7.95 20.19 -4.28
C ASN C 11 -9.20 19.82 -3.49
N ALA C 12 -9.28 20.25 -2.20
CA ALA C 12 -10.40 20.02 -1.29
C ALA C 12 -11.74 20.46 -1.90
N GLU C 13 -11.75 21.63 -2.55
CA GLU C 13 -12.93 22.23 -3.19
C GLU C 13 -13.41 21.39 -4.37
N TYR C 14 -12.45 20.85 -5.17
CA TYR C 14 -12.79 20.01 -6.29
C TYR C 14 -13.37 18.68 -5.83
N VAL C 15 -12.78 18.06 -4.81
CA VAL C 15 -13.28 16.79 -4.27
C VAL C 15 -14.77 16.93 -3.85
N SER C 16 -15.10 17.99 -3.06
CA SER C 16 -16.46 18.27 -2.56
C SER C 16 -17.46 18.44 -3.71
N SER C 17 -17.02 19.04 -4.83
CA SER C 17 -17.83 19.22 -6.02
C SER C 17 -18.08 17.89 -6.72
N THR C 18 -17.04 17.04 -6.83
CA THR C 18 -17.05 15.72 -7.44
C THR C 18 -17.95 14.77 -6.62
N LEU C 19 -17.97 14.94 -5.28
CA LEU C 19 -18.77 14.12 -4.36
C LEU C 19 -20.24 14.33 -4.60
N SER C 20 -20.67 15.60 -4.76
CA SER C 20 -22.06 15.98 -5.03
C SER C 20 -22.52 15.50 -6.43
N LEU C 21 -21.56 15.05 -7.27
CA LEU C 21 -21.80 14.50 -8.60
C LEU C 21 -21.96 12.99 -8.53
N ARG C 22 -22.02 12.48 -7.28
CA ARG C 22 -22.29 11.10 -6.89
C ARG C 22 -22.97 11.12 -5.51
N GLY C 45 -22.50 16.67 -17.31
CA GLY C 45 -21.96 17.96 -17.74
C GLY C 45 -21.44 18.84 -16.62
N GLY C 46 -21.78 18.46 -15.38
CA GLY C 46 -21.40 19.17 -14.16
C GLY C 46 -19.97 19.04 -13.68
N LEU C 47 -19.17 18.18 -14.32
CA LEU C 47 -17.77 17.99 -13.95
C LEU C 47 -16.89 19.10 -14.58
N CYS C 48 -17.32 19.56 -15.76
CA CYS C 48 -16.66 20.61 -16.54
C CYS C 48 -16.66 21.94 -15.80
N ARG C 49 -17.78 22.24 -15.11
CA ARG C 49 -17.97 23.43 -14.27
C ARG C 49 -17.00 23.37 -13.07
N ALA C 50 -16.91 22.19 -12.44
CA ALA C 50 -16.04 21.91 -11.30
C ALA C 50 -14.55 22.07 -11.68
N LEU C 51 -14.19 21.54 -12.86
CA LEU C 51 -12.83 21.59 -13.38
C LEU C 51 -12.42 23.01 -13.74
N ARG C 52 -13.37 23.85 -14.20
CA ARG C 52 -13.11 25.25 -14.54
C ARG C 52 -12.89 26.06 -13.27
N SER C 53 -13.61 25.72 -12.21
CA SER C 53 -13.48 26.32 -10.87
C SER C 53 -12.14 25.91 -10.27
N TYR C 54 -11.75 24.63 -10.49
CA TYR C 54 -10.48 24.06 -10.03
C TYR C 54 -9.33 24.82 -10.75
N ALA C 55 -9.44 25.00 -12.10
CA ALA C 55 -8.46 25.69 -12.97
C ALA C 55 -8.30 27.14 -12.53
N LEU C 56 -9.43 27.82 -12.23
CA LEU C 56 -9.44 29.18 -11.73
C LEU C 56 -8.71 29.26 -10.40
N CYS C 57 -9.01 28.31 -9.52
CA CYS C 57 -8.42 28.23 -8.19
C CYS C 57 -6.90 28.14 -8.27
N THR C 58 -6.39 27.27 -9.17
CA THR C 58 -4.95 27.08 -9.32
C THR C 58 -4.30 28.35 -9.80
N ARG C 59 -4.88 28.99 -10.86
CA ARG C 59 -4.41 30.22 -11.46
C ARG C 59 -4.26 31.31 -10.41
N ARG C 60 -5.24 31.37 -9.46
CA ARG C 60 -5.28 32.34 -8.36
C ARG C 60 -4.15 32.08 -7.33
N THR C 61 -3.67 30.83 -7.21
CA THR C 61 -2.59 30.58 -6.26
C THR C 61 -1.24 30.32 -6.95
N ALA C 62 -1.19 30.43 -8.30
CA ALA C 62 -0.01 30.15 -9.14
C ALA C 62 1.26 30.80 -8.62
N ARG C 63 1.19 32.09 -8.29
CA ARG C 63 2.27 32.94 -7.82
C ARG C 63 2.86 32.51 -6.48
N THR C 64 2.11 31.76 -5.65
CA THR C 64 2.59 31.34 -4.33
C THR C 64 2.94 29.84 -4.33
N CYS C 65 2.80 29.18 -5.50
CA CYS C 65 3.06 27.73 -5.67
C CYS C 65 4.14 27.45 -6.68
N ARG C 66 5.01 28.42 -6.98
CA ARG C 66 6.05 28.28 -8.00
C ARG C 66 6.82 26.96 -7.90
N GLY C 67 7.28 26.58 -6.71
CA GLY C 67 8.02 25.32 -6.58
C GLY C 67 7.25 24.20 -5.91
N ASP C 68 5.91 24.29 -5.89
CA ASP C 68 5.08 23.28 -5.22
C ASP C 68 4.77 22.13 -6.15
N LEU C 69 5.16 20.91 -5.75
CA LEU C 69 4.93 19.69 -6.54
C LEU C 69 3.41 19.41 -6.73
N ALA C 70 2.61 19.48 -5.65
CA ALA C 70 1.17 19.23 -5.74
C ALA C 70 0.50 20.25 -6.71
N PHE C 71 1.06 21.48 -6.75
CA PHE C 71 0.47 22.49 -7.61
C PHE C 71 0.59 22.08 -9.08
N HIS C 72 1.78 21.68 -9.47
CA HIS C 72 2.10 21.31 -10.84
C HIS C 72 1.46 19.97 -11.23
N SER C 73 1.17 19.11 -10.26
CA SER C 73 0.45 17.87 -10.52
C SER C 73 -1.03 18.21 -10.76
N ALA C 74 -1.54 19.18 -9.98
CA ALA C 74 -2.92 19.66 -10.10
C ALA C 74 -3.13 20.30 -11.45
N VAL C 75 -2.16 21.13 -11.89
CA VAL C 75 -2.19 21.75 -13.19
C VAL C 75 -2.25 20.66 -14.28
N HIS C 76 -1.39 19.63 -14.23
CA HIS C 76 -1.41 18.55 -15.22
C HIS C 76 -2.74 17.75 -15.19
N GLY C 77 -3.15 17.39 -13.98
CA GLY C 77 -4.35 16.62 -13.69
C GLY C 77 -5.63 17.26 -14.19
N ILE C 78 -5.80 18.57 -13.93
CA ILE C 78 -6.96 19.36 -14.39
C ILE C 78 -7.04 19.30 -15.93
N GLU C 79 -5.93 19.58 -16.62
CA GLU C 79 -5.88 19.57 -18.08
C GLU C 79 -6.17 18.18 -18.62
N ASP C 80 -5.65 17.15 -17.95
CA ASP C 80 -5.87 15.74 -18.34
C ASP C 80 -7.35 15.39 -18.25
N LEU C 81 -8.04 15.90 -17.22
CA LEU C 81 -9.45 15.65 -17.00
C LEU C 81 -10.32 16.44 -18.01
N MET C 82 -9.94 17.70 -18.35
CA MET C 82 -10.68 18.53 -19.31
C MET C 82 -10.59 17.98 -20.74
N ILE C 83 -9.42 17.44 -21.13
CA ILE C 83 -9.21 16.77 -22.41
C ILE C 83 -10.13 15.53 -22.48
N GLN C 84 -10.08 14.69 -21.43
CA GLN C 84 -10.88 13.49 -21.28
C GLN C 84 -12.40 13.77 -21.38
N HIS C 85 -12.88 14.81 -20.66
CA HIS C 85 -14.30 15.13 -20.55
C HIS C 85 -14.78 16.19 -21.52
N ASN C 86 -14.01 16.45 -22.60
CA ASN C 86 -14.32 17.39 -23.67
C ASN C 86 -14.73 18.79 -23.13
N CYS C 87 -14.30 19.10 -21.88
CA CYS C 87 -14.55 20.36 -21.16
C CYS C 87 -13.90 21.53 -21.86
N SER C 88 -14.69 22.62 -21.99
CA SER C 88 -14.25 23.87 -22.56
C SER C 88 -13.63 24.72 -21.47
N ARG C 89 -12.70 25.59 -21.87
CA ARG C 89 -12.00 26.52 -21.01
C ARG C 89 -12.90 27.69 -20.63
N GLN C 90 -13.89 28.00 -21.49
CA GLN C 90 -14.72 29.15 -21.29
C GLN C 90 -16.22 28.83 -21.17
N GLY C 91 -16.55 27.69 -20.56
CA GLY C 91 -17.95 27.36 -20.29
C GLY C 91 -18.44 28.03 -19.00
N PRO C 92 -19.59 27.61 -18.41
CA PRO C 92 -20.07 28.29 -17.19
C PRO C 92 -19.67 27.66 -15.85
N THR C 93 -19.53 28.54 -14.82
CA THR C 93 -19.30 28.27 -13.38
C THR C 93 -19.07 29.62 -12.65
N ALA C 94 -19.94 29.87 -11.62
CA ALA C 94 -20.04 31.07 -10.78
C ALA C 94 -18.67 31.78 -10.58
N PRO C 95 -18.57 33.11 -10.83
CA PRO C 95 -19.67 34.04 -11.18
C PRO C 95 -20.31 33.81 -12.56
N PRO C 96 -21.63 34.10 -12.76
CA PRO C 96 -22.60 34.69 -11.82
C PRO C 96 -23.51 33.64 -11.18
N GLN D 4 14.61 -16.42 20.96
CA GLN D 4 13.71 -17.50 21.32
C GLN D 4 12.87 -17.95 20.07
N CYS D 5 11.81 -17.22 19.65
CA CYS D 5 11.02 -17.68 18.50
C CYS D 5 11.84 -17.69 17.19
N LYS D 6 11.92 -18.86 16.53
CA LYS D 6 12.70 -19.10 15.32
C LYS D 6 11.81 -19.19 14.04
N ILE D 7 10.63 -18.50 14.02
CA ILE D 7 9.74 -18.51 12.85
C ILE D 7 10.36 -17.79 11.63
N LEU D 8 11.26 -16.77 11.80
CA LEU D 8 11.87 -16.13 10.64
C LEU D 8 12.67 -17.10 9.80
N ARG D 9 13.37 -18.05 10.46
CA ARG D 9 14.18 -19.06 9.79
C ARG D 9 13.27 -20.03 9.03
N CYS D 10 12.09 -20.40 9.59
CA CYS D 10 11.14 -21.29 8.92
C CYS D 10 10.60 -20.59 7.68
N ASN D 11 10.23 -19.30 7.82
CA ASN D 11 9.70 -18.48 6.72
C ASN D 11 10.72 -18.41 5.59
N ALA D 12 11.99 -18.03 5.91
CA ALA D 12 13.12 -17.95 4.98
C ALA D 12 13.34 -19.24 4.20
N GLU D 13 13.45 -20.39 4.92
CA GLU D 13 13.67 -21.72 4.33
C GLU D 13 12.57 -22.08 3.35
N TYR D 14 11.30 -21.81 3.73
CA TYR D 14 10.15 -22.08 2.87
C TYR D 14 10.15 -21.19 1.62
N VAL D 15 10.46 -19.90 1.80
CA VAL D 15 10.50 -18.98 0.67
C VAL D 15 11.63 -19.44 -0.25
N SER D 16 12.83 -19.74 0.31
CA SER D 16 13.96 -20.28 -0.47
C SER D 16 13.54 -21.50 -1.29
N SER D 17 12.97 -22.53 -0.63
CA SER D 17 12.53 -23.77 -1.27
C SER D 17 11.52 -23.59 -2.42
N THR D 18 10.62 -22.62 -2.32
CA THR D 18 9.59 -22.38 -3.33
C THR D 18 10.09 -21.48 -4.48
N LEU D 19 11.24 -20.82 -4.32
CA LEU D 19 11.79 -19.99 -5.40
C LEU D 19 12.39 -20.89 -6.49
N SER D 20 12.99 -22.02 -6.07
CA SER D 20 13.61 -23.05 -6.91
C SER D 20 12.60 -24.14 -7.34
N LEU D 21 11.27 -23.91 -7.11
CA LEU D 21 10.11 -24.78 -7.38
C LEU D 21 9.91 -25.80 -6.24
N SER D 44 3.42 -29.64 -7.82
CA SER D 44 2.75 -29.81 -6.51
C SER D 44 3.46 -30.82 -5.55
N GLY D 45 4.16 -31.81 -6.09
CA GLY D 45 4.90 -32.78 -5.31
C GLY D 45 6.04 -32.11 -4.55
N GLY D 46 6.73 -31.17 -5.21
CA GLY D 46 7.81 -30.39 -4.64
C GLY D 46 7.32 -29.36 -3.62
N LEU D 47 6.15 -28.77 -3.88
CA LEU D 47 5.54 -27.80 -2.95
C LEU D 47 5.11 -28.48 -1.65
N CYS D 48 4.51 -29.67 -1.75
CA CYS D 48 4.06 -30.45 -0.61
C CYS D 48 5.23 -30.82 0.31
N ARG D 49 6.42 -31.11 -0.27
CA ARG D 49 7.66 -31.42 0.47
C ARG D 49 8.09 -30.20 1.25
N ALA D 50 8.21 -29.07 0.56
CA ALA D 50 8.55 -27.78 1.15
C ALA D 50 7.57 -27.39 2.28
N LEU D 51 6.25 -27.67 2.11
CA LEU D 51 5.20 -27.38 3.09
C LEU D 51 5.35 -28.26 4.31
N ARG D 52 5.81 -29.52 4.13
CA ARG D 52 6.04 -30.48 5.21
C ARG D 52 7.26 -30.10 6.01
N SER D 53 8.28 -29.59 5.34
CA SER D 53 9.51 -29.10 5.96
C SER D 53 9.19 -27.84 6.77
N TYR D 54 8.29 -27.00 6.22
CA TYR D 54 7.81 -25.76 6.83
C TYR D 54 7.04 -26.13 8.13
N ALA D 55 6.17 -27.14 8.06
CA ALA D 55 5.35 -27.65 9.16
C ALA D 55 6.24 -28.21 10.27
N LEU D 56 7.24 -29.01 9.89
CA LEU D 56 8.24 -29.59 10.79
C LEU D 56 9.00 -28.48 11.49
N CYS D 57 9.45 -27.48 10.74
CA CYS D 57 10.19 -26.34 11.26
C CYS D 57 9.37 -25.60 12.34
N THR D 58 8.02 -25.36 12.10
CA THR D 58 7.11 -24.68 13.05
C THR D 58 6.96 -25.48 14.32
N ARG D 59 6.79 -26.79 14.21
CA ARG D 59 6.65 -27.72 15.31
C ARG D 59 7.90 -27.69 16.21
N ARG D 60 9.10 -27.61 15.57
CA ARG D 60 10.39 -27.55 16.26
C ARG D 60 10.60 -26.21 17.03
N THR D 61 9.95 -25.13 16.60
CA THR D 61 10.10 -23.87 17.35
C THR D 61 8.82 -23.49 18.11
N ALA D 62 7.80 -24.38 18.11
CA ALA D 62 6.48 -24.15 18.75
C ALA D 62 6.59 -23.66 20.17
N ARG D 63 7.44 -24.28 20.98
CA ARG D 63 7.68 -24.00 22.39
C ARG D 63 8.20 -22.57 22.66
N THR D 64 8.85 -21.94 21.66
CA THR D 64 9.45 -20.60 21.83
C THR D 64 8.63 -19.53 21.09
N CYS D 65 7.52 -19.92 20.44
CA CYS D 65 6.64 -19.06 19.66
C CYS D 65 5.18 -19.05 20.19
N ARG D 66 4.96 -19.42 21.46
CA ARG D 66 3.59 -19.49 22.01
C ARG D 66 2.76 -18.22 21.78
N GLY D 67 3.37 -17.06 22.02
CA GLY D 67 2.67 -15.81 21.82
C GLY D 67 3.04 -15.05 20.57
N ASP D 68 3.73 -15.70 19.63
CA ASP D 68 4.17 -15.05 18.39
C ASP D 68 3.09 -15.07 17.32
N LEU D 69 2.63 -13.88 16.87
CA LEU D 69 1.60 -13.77 15.84
C LEU D 69 2.05 -14.38 14.50
N ALA D 70 3.27 -14.05 14.02
CA ALA D 70 3.78 -14.60 12.76
C ALA D 70 3.83 -16.12 12.78
N PHE D 71 4.15 -16.71 13.92
CA PHE D 71 4.19 -18.14 14.10
C PHE D 71 2.81 -18.76 13.81
N HIS D 72 1.78 -18.30 14.53
CA HIS D 72 0.41 -18.80 14.42
C HIS D 72 -0.19 -18.52 13.03
N SER D 73 0.28 -17.45 12.34
CA SER D 73 -0.13 -17.18 10.96
C SER D 73 0.49 -18.22 10.05
N ALA D 74 1.76 -18.62 10.33
CA ALA D 74 2.47 -19.61 9.53
C ALA D 74 1.76 -20.94 9.59
N VAL D 75 1.47 -21.43 10.82
CA VAL D 75 0.74 -22.67 11.12
C VAL D 75 -0.60 -22.65 10.35
N HIS D 76 -1.34 -21.50 10.37
CA HIS D 76 -2.59 -21.42 9.61
C HIS D 76 -2.35 -21.54 8.06
N GLY D 77 -1.37 -20.79 7.54
CA GLY D 77 -1.02 -20.75 6.13
C GLY D 77 -0.55 -22.09 5.56
N ILE D 78 0.25 -22.85 6.34
CA ILE D 78 0.74 -24.19 5.96
C ILE D 78 -0.47 -25.13 5.84
N GLU D 79 -1.36 -25.14 6.83
CA GLU D 79 -2.56 -25.98 6.81
C GLU D 79 -3.43 -25.61 5.61
N ASP D 80 -3.65 -24.31 5.38
CA ASP D 80 -4.45 -23.84 4.24
C ASP D 80 -3.80 -24.33 2.93
N LEU D 81 -2.49 -24.16 2.80
CA LEU D 81 -1.78 -24.54 1.60
C LEU D 81 -1.74 -26.07 1.44
N MET D 82 -1.66 -26.84 2.54
CA MET D 82 -1.64 -28.31 2.50
C MET D 82 -3.01 -28.89 2.10
N ILE D 83 -4.11 -28.23 2.50
CA ILE D 83 -5.49 -28.56 2.09
C ILE D 83 -5.60 -28.30 0.57
N GLN D 84 -5.07 -27.17 0.10
CA GLN D 84 -4.93 -26.90 -1.33
C GLN D 84 -3.81 -27.83 -1.83
N HIS D 85 -3.79 -28.28 -3.10
CA HIS D 85 -2.72 -29.18 -3.61
C HIS D 85 -2.72 -30.59 -2.94
N ASN D 86 -3.69 -30.87 -2.04
CA ASN D 86 -3.93 -32.11 -1.32
C ASN D 86 -2.58 -32.79 -0.91
N CYS D 87 -1.87 -32.15 0.01
CA CYS D 87 -0.59 -32.69 0.46
C CYS D 87 -0.80 -33.76 1.51
N SER D 88 0.11 -34.72 1.59
CA SER D 88 0.07 -35.71 2.67
C SER D 88 0.91 -35.13 3.78
N ARG D 89 0.56 -35.42 5.04
CA ARG D 89 1.27 -34.84 6.19
C ARG D 89 2.61 -35.53 6.44
N GLN D 90 2.80 -36.77 5.95
CA GLN D 90 4.01 -37.53 6.25
C GLN D 90 5.04 -37.62 5.10
N GLY D 91 4.58 -37.63 3.85
CA GLY D 91 5.53 -37.77 2.77
C GLY D 91 5.81 -39.23 2.39
N PRO D 92 5.88 -39.50 1.05
CA PRO D 92 5.98 -40.88 0.58
C PRO D 92 7.21 -41.65 1.03
N THR D 93 6.99 -42.93 1.38
CA THR D 93 8.04 -43.88 1.75
C THR D 93 8.58 -44.45 0.47
N ALA D 94 9.85 -44.86 0.44
CA ALA D 94 10.36 -45.52 -0.77
C ALA D 94 9.88 -46.98 -0.72
N PRO D 95 9.27 -47.51 -1.81
CA PRO D 95 8.75 -48.88 -1.77
C PRO D 95 9.84 -49.96 -1.73
N PRO D 96 9.50 -51.25 -1.50
CA PRO D 96 10.54 -52.30 -1.50
C PRO D 96 11.28 -52.39 -2.86
N PRO D 97 12.55 -52.91 -2.90
CA PRO D 97 13.32 -52.98 -4.16
C PRO D 97 12.60 -53.59 -5.37
#